data_3UTV
#
_entry.id   3UTV
#
_cell.length_a   46.080
_cell.length_b   104.009
_cell.length_c   129.743
_cell.angle_alpha   90.00
_cell.angle_beta   90.00
_cell.angle_gamma   90.00
#
_symmetry.space_group_name_H-M   'C 2 2 21'
#
loop_
_entity.id
_entity.type
_entity.pdbx_description
1 polymer Bacteriorhodopsin
2 non-polymer RETINAL
3 non-polymer 1,2-DIMYRISTOYL-RAC-GLYCERO-3-PHOSPHOCHOLINE
4 water water
#
_entity_poly.entity_id   1
_entity_poly.type   'polypeptide(L)'
_entity_poly.pdbx_seq_one_letter_code
;QAQITGRPEWIWLALGTALMGLGTLYFLVKGMGVSDPDAKKFYAITTLVPAIAFTMFLSMLLGYGLTMVPFGGEQNPIYW
ARYADWLFTTPLLLLDLALLVDADQGTILALVGADGIMIGTGLVGALTKVYSYRFVWWAISTAAMLYILYVLFFGFTSKA
ESMRPEVASTFKVLRNVTVVLWSAYPVVWLIGSEGAGIVPLNIETLLFMVLDVSAKVGFGLILLRSRAIFGEAEAPEPSA
GDGAAATSD
;
_entity_poly.pdbx_strand_id   A
#
loop_
_chem_comp.id
_chem_comp.type
_chem_comp.name
_chem_comp.formula
MC3 non-polymer 1,2-DIMYRISTOYL-RAC-GLYCERO-3-PHOSPHOCHOLINE 'C36 H72 N O8 P'
RET non-polymer RETINAL 'C20 H28 O'
#
# COMPACT_ATOMS: atom_id res chain seq x y z
N THR A 5 8.13 12.29 -26.99
CA THR A 5 9.40 12.32 -26.19
C THR A 5 9.51 11.14 -25.18
N GLY A 6 8.50 10.93 -24.32
CA GLY A 6 8.65 10.16 -23.07
C GLY A 6 8.23 8.69 -22.99
N ARG A 7 8.64 8.05 -21.88
CA ARG A 7 8.50 6.59 -21.60
C ARG A 7 7.04 6.02 -21.64
N PRO A 8 6.85 4.78 -22.14
CA PRO A 8 5.48 4.26 -22.44
C PRO A 8 4.57 4.00 -21.20
N GLU A 9 5.17 3.90 -20.02
CA GLU A 9 4.37 3.71 -18.78
C GLU A 9 3.72 5.06 -18.33
N TRP A 10 4.02 6.14 -19.05
CA TRP A 10 3.50 7.47 -18.70
C TRP A 10 1.98 7.47 -18.56
N ILE A 11 1.29 6.73 -19.45
CA ILE A 11 -0.17 6.72 -19.45
C ILE A 11 -0.79 6.18 -18.16
N TRP A 12 -0.14 5.16 -17.54
CA TRP A 12 -0.60 4.55 -16.30
C TRP A 12 -0.27 5.41 -15.09
N LEU A 13 0.85 6.11 -15.15
CA LEU A 13 1.19 7.16 -14.14
C LEU A 13 0.19 8.32 -14.18
N ALA A 14 -0.26 8.68 -15.38
CA ALA A 14 -1.28 9.73 -15.57
C ALA A 14 -2.67 9.27 -15.06
N LEU A 15 -3.11 8.08 -15.44
CA LEU A 15 -4.36 7.52 -14.92
C LEU A 15 -4.33 7.32 -13.39
N GLY A 16 -3.19 6.86 -12.86
CA GLY A 16 -2.93 6.79 -11.37
C GLY A 16 -3.12 8.16 -10.64
N THR A 17 -2.42 9.13 -11.16
CA THR A 17 -2.57 10.50 -10.66
C THR A 17 -4.02 10.95 -10.60
N ALA A 18 -4.77 10.80 -11.70
CA ALA A 18 -6.18 11.21 -11.74
C ALA A 18 -7.07 10.45 -10.76
N LEU A 19 -6.88 9.13 -10.61
CA LEU A 19 -7.76 8.35 -9.71
C LEU A 19 -7.40 8.64 -8.23
N MET A 20 -6.10 8.76 -7.90
CA MET A 20 -5.74 9.08 -6.52
C MET A 20 -6.19 10.53 -6.13
N GLY A 21 -6.04 11.43 -7.08
CA GLY A 21 -6.58 12.82 -6.94
C GLY A 21 -8.08 13.01 -6.71
N LEU A 22 -8.90 12.39 -7.57
CA LEU A 22 -10.34 12.41 -7.38
C LEU A 22 -10.81 11.73 -6.08
N GLY A 23 -10.23 10.57 -5.76
CA GLY A 23 -10.47 9.85 -4.48
C GLY A 23 -10.10 10.72 -3.26
N THR A 24 -8.93 11.34 -3.27
CA THR A 24 -8.59 12.35 -2.21
C THR A 24 -9.65 13.49 -2.05
N LEU A 25 -10.05 14.11 -3.17
CA LEU A 25 -11.02 15.26 -3.15
C LEU A 25 -12.39 14.81 -2.58
N TYR A 26 -12.82 13.67 -3.05
CA TYR A 26 -14.07 13.06 -2.62
C TYR A 26 -14.07 12.75 -1.11
N PHE A 27 -13.01 12.08 -0.62
CA PHE A 27 -12.89 11.76 0.82
C PHE A 27 -12.81 13.03 1.67
N LEU A 28 -12.05 14.01 1.20
CA LEU A 28 -12.00 15.34 1.86
C LEU A 28 -13.37 16.02 1.97
N VAL A 29 -14.16 16.06 0.90
CA VAL A 29 -15.46 16.79 0.95
C VAL A 29 -16.41 16.02 1.90
N LYS A 30 -16.44 14.70 1.80
CA LYS A 30 -17.33 13.94 2.69
C LYS A 30 -16.88 14.05 4.15
N GLY A 31 -15.58 14.04 4.36
CA GLY A 31 -15.03 14.09 5.73
C GLY A 31 -15.26 15.41 6.47
N MET A 32 -15.12 16.53 5.75
CA MET A 32 -15.35 17.84 6.36
C MET A 32 -16.82 18.09 6.70
N GLY A 33 -17.72 17.38 6.02
CA GLY A 33 -19.15 17.41 6.31
C GLY A 33 -19.64 16.58 7.50
N VAL A 34 -18.83 15.70 8.10
CA VAL A 34 -19.30 14.94 9.29
C VAL A 34 -18.83 15.50 10.66
N SER A 35 -19.65 15.33 11.70
CA SER A 35 -19.29 15.85 13.04
C SER A 35 -18.85 14.81 14.07
N ASP A 36 -19.27 13.55 13.94
CA ASP A 36 -18.85 12.49 14.90
C ASP A 36 -17.31 12.45 15.05
N PRO A 37 -16.78 12.58 16.28
CA PRO A 37 -15.32 12.50 16.52
C PRO A 37 -14.63 11.19 16.08
N ASP A 38 -15.22 10.04 16.38
CA ASP A 38 -14.61 8.77 15.91
C ASP A 38 -14.55 8.66 14.37
N ALA A 39 -15.63 8.98 13.68
CA ALA A 39 -15.67 9.00 12.20
C ALA A 39 -14.61 9.90 11.61
N LYS A 40 -14.43 11.04 12.24
CA LYS A 40 -13.50 12.05 11.77
C LYS A 40 -12.03 11.55 11.77
N LYS A 41 -11.67 10.78 12.79
CA LYS A 41 -10.35 10.18 12.88
C LYS A 41 -10.13 9.23 11.68
N PHE A 42 -11.15 8.43 11.36
CA PHE A 42 -11.06 7.53 10.21
C PHE A 42 -10.92 8.30 8.89
N TYR A 43 -11.69 9.41 8.75
CA TYR A 43 -11.60 10.24 7.63
C TYR A 43 -10.24 10.90 7.44
N ALA A 44 -9.66 11.38 8.53
CA ALA A 44 -8.38 12.00 8.47
C ALA A 44 -7.25 11.01 8.00
N ILE A 45 -7.21 9.82 8.59
CA ILE A 45 -6.19 8.83 8.24
C ILE A 45 -6.39 8.41 6.77
N THR A 46 -7.65 8.17 6.44
CA THR A 46 -7.99 7.59 5.11
C THR A 46 -7.88 8.59 3.94
N THR A 47 -8.08 9.91 4.19
CA THR A 47 -7.88 10.93 3.16
C THR A 47 -6.37 11.12 2.86
N LEU A 48 -5.53 10.98 3.88
CA LEU A 48 -4.09 11.21 3.78
C LEU A 48 -3.42 10.16 2.88
N VAL A 49 -3.91 8.93 2.95
CA VAL A 49 -3.46 7.81 2.14
C VAL A 49 -3.39 8.12 0.64
N PRO A 50 -4.56 8.38 -0.03
CA PRO A 50 -4.44 8.71 -1.45
C PRO A 50 -3.81 10.08 -1.73
N ALA A 51 -3.82 11.00 -0.75
CA ALA A 51 -3.10 12.29 -0.91
C ALA A 51 -1.61 12.11 -1.14
N ILE A 52 -0.98 11.26 -0.30
CA ILE A 52 0.44 10.94 -0.41
C ILE A 52 0.69 10.22 -1.77
N ALA A 53 -0.11 9.18 -2.04
CA ALA A 53 -0.04 8.51 -3.37
C ALA A 53 -0.12 9.45 -4.61
N PHE A 54 -1.07 10.40 -4.55
CA PHE A 54 -1.22 11.42 -5.58
C PHE A 54 0.07 12.19 -5.80
N THR A 55 0.72 12.61 -4.71
CA THR A 55 1.94 13.40 -4.84
C THR A 55 3.09 12.58 -5.47
N MET A 56 3.24 11.31 -5.05
CA MET A 56 4.27 10.44 -5.59
C MET A 56 3.96 10.04 -7.07
N PHE A 57 2.71 9.73 -7.37
CA PHE A 57 2.33 9.50 -8.81
C PHE A 57 2.61 10.71 -9.75
N LEU A 58 2.25 11.91 -9.28
CA LEU A 58 2.53 13.16 -10.01
C LEU A 58 4.04 13.43 -10.26
N SER A 59 4.88 13.16 -9.21
CA SER A 59 6.34 13.26 -9.25
C SER A 59 6.97 12.36 -10.28
N MET A 60 6.52 11.10 -10.27
CA MET A 60 6.98 10.11 -11.28
C MET A 60 6.51 10.45 -12.72
N LEU A 61 5.26 10.88 -12.87
CA LEU A 61 4.74 11.41 -14.16
C LEU A 61 5.62 12.52 -14.71
N LEU A 62 6.10 13.42 -13.84
CA LEU A 62 6.93 14.55 -14.29
C LEU A 62 8.42 14.17 -14.39
N GLY A 63 8.78 12.90 -14.20
CA GLY A 63 10.15 12.39 -14.38
C GLY A 63 11.04 12.40 -13.14
N TYR A 64 10.46 12.45 -11.94
CA TYR A 64 11.25 12.27 -10.71
C TYR A 64 11.06 10.86 -10.14
N GLY A 65 11.88 10.50 -9.15
CA GLY A 65 11.76 9.21 -8.44
C GLY A 65 12.29 8.03 -9.18
N LEU A 66 13.18 8.28 -10.14
CA LEU A 66 13.63 7.21 -11.02
C LEU A 66 15.16 7.19 -11.04
N THR A 67 15.75 5.99 -10.93
CA THR A 67 17.20 5.83 -10.98
C THR A 67 17.58 4.59 -11.81
N MET A 68 18.85 4.47 -12.20
CA MET A 68 19.37 3.33 -12.98
C MET A 68 20.23 2.44 -12.01
N VAL A 69 20.01 1.13 -12.03
CA VAL A 69 20.83 0.20 -11.23
C VAL A 69 21.47 -0.89 -12.15
N PRO A 70 22.82 -1.07 -12.09
CA PRO A 70 23.47 -2.15 -12.86
C PRO A 70 23.30 -3.53 -12.17
N PHE A 71 22.67 -4.49 -12.86
CA PHE A 71 22.67 -5.92 -12.49
C PHE A 71 22.40 -6.75 -13.76
N GLY A 72 22.86 -7.99 -13.71
CA GLY A 72 22.63 -8.89 -14.81
C GLY A 72 23.35 -8.48 -16.09
N GLY A 73 24.36 -7.62 -16.01
CA GLY A 73 25.07 -7.18 -17.23
C GLY A 73 24.55 -5.91 -17.91
N GLU A 74 23.52 -5.28 -17.36
CA GLU A 74 22.94 -4.12 -18.01
C GLU A 74 22.43 -3.10 -17.00
N GLN A 75 22.06 -1.94 -17.53
CA GLN A 75 21.61 -0.80 -16.79
C GLN A 75 20.07 -0.80 -16.77
N ASN A 76 19.46 -0.94 -15.58
CA ASN A 76 18.00 -1.17 -15.42
C ASN A 76 17.27 -0.03 -14.72
N PRO A 77 16.18 0.47 -15.31
CA PRO A 77 15.40 1.53 -14.66
C PRO A 77 14.60 0.99 -13.45
N ILE A 78 14.61 1.77 -12.35
CA ILE A 78 13.97 1.46 -11.06
C ILE A 78 13.29 2.74 -10.45
N TYR A 79 11.97 2.65 -10.20
CA TYR A 79 11.24 3.73 -9.67
C TYR A 79 11.33 3.69 -8.12
N TRP A 80 12.25 4.44 -7.49
CA TRP A 80 12.36 4.41 -6.02
C TRP A 80 11.28 5.18 -5.26
N ALA A 81 10.65 6.18 -5.92
CA ALA A 81 9.63 7.01 -5.26
C ALA A 81 8.42 6.19 -4.81
N ARG A 82 8.14 5.12 -5.52
CA ARG A 82 7.13 4.15 -5.09
C ARG A 82 7.33 3.77 -3.59
N TYR A 83 8.59 3.54 -3.22
CA TYR A 83 8.90 3.08 -1.84
C TYR A 83 8.65 4.20 -0.80
N ALA A 84 8.80 5.44 -1.26
CA ALA A 84 8.57 6.58 -0.41
C ALA A 84 7.06 6.74 -0.14
N ASP A 85 6.24 6.41 -1.14
CA ASP A 85 4.76 6.35 -0.96
C ASP A 85 4.39 5.25 0.06
N TRP A 86 4.76 4.03 -0.26
CA TRP A 86 4.44 2.89 0.57
C TRP A 86 4.98 2.99 2.03
N LEU A 87 6.15 3.59 2.21
CA LEU A 87 6.74 3.71 3.59
C LEU A 87 5.71 4.36 4.55
N PHE A 88 4.96 5.36 4.07
CA PHE A 88 3.93 6.07 4.88
C PHE A 88 2.52 5.53 4.71
N THR A 89 2.13 5.13 3.50
CA THR A 89 0.75 4.75 3.29
C THR A 89 0.38 3.39 3.83
N THR A 90 1.32 2.43 3.79
CA THR A 90 1.04 1.06 4.29
C THR A 90 0.77 0.98 5.84
N PRO A 91 1.54 1.70 6.64
CA PRO A 91 1.21 1.78 8.05
C PRO A 91 -0.08 2.53 8.39
N LEU A 92 -0.43 3.57 7.61
CA LEU A 92 -1.74 4.27 7.77
C LEU A 92 -2.91 3.31 7.52
N LEU A 93 -2.81 2.48 6.49
CA LEU A 93 -3.82 1.44 6.25
C LEU A 93 -3.96 0.41 7.41
N LEU A 94 -2.82 -0.06 7.91
CA LEU A 94 -2.79 -0.92 9.10
C LEU A 94 -3.41 -0.25 10.31
N LEU A 95 -3.13 1.04 10.52
CA LEU A 95 -3.72 1.79 11.63
C LEU A 95 -5.24 1.83 11.55
N ASP A 96 -5.79 2.11 10.34
CA ASP A 96 -7.29 1.99 10.12
C ASP A 96 -7.85 0.65 10.66
N LEU A 97 -7.21 -0.43 10.24
CA LEU A 97 -7.63 -1.77 10.67
C LEU A 97 -7.52 -1.98 12.21
N ALA A 98 -6.43 -1.47 12.78
CA ALA A 98 -6.20 -1.62 14.20
C ALA A 98 -7.22 -0.85 15.06
N LEU A 99 -7.60 0.34 14.60
CA LEU A 99 -8.57 1.19 15.24
C LEU A 99 -9.94 0.58 15.15
N LEU A 100 -10.25 0.00 14.00
CA LEU A 100 -11.50 -0.65 13.85
C LEU A 100 -11.72 -1.83 14.86
N VAL A 101 -10.68 -2.61 15.19
CA VAL A 101 -10.84 -3.77 16.11
C VAL A 101 -10.36 -3.52 17.55
N ASP A 102 -9.94 -2.27 17.85
CA ASP A 102 -9.33 -1.92 19.16
C ASP A 102 -8.09 -2.74 19.49
N ALA A 103 -7.11 -2.81 18.58
CA ALA A 103 -5.95 -3.65 18.82
C ALA A 103 -5.09 -3.09 19.98
N ASP A 104 -4.30 -3.95 20.63
CA ASP A 104 -3.37 -3.48 21.70
C ASP A 104 -2.23 -2.57 21.12
N GLN A 105 -1.76 -1.65 21.96
CA GLN A 105 -0.69 -0.73 21.62
C GLN A 105 0.59 -1.48 21.14
N GLY A 106 0.96 -2.50 21.89
CA GLY A 106 2.11 -3.38 21.62
C GLY A 106 2.03 -4.12 20.27
N THR A 107 0.81 -4.58 19.92
CA THR A 107 0.53 -5.14 18.59
C THR A 107 0.73 -4.16 17.43
N ILE A 108 0.28 -2.91 17.60
CA ILE A 108 0.42 -1.89 16.59
C ILE A 108 1.90 -1.53 16.32
N LEU A 109 2.68 -1.38 17.41
CA LEU A 109 4.10 -1.10 17.33
C LEU A 109 4.80 -2.22 16.59
N ALA A 110 4.49 -3.47 16.93
CA ALA A 110 5.05 -4.60 16.24
C ALA A 110 4.72 -4.63 14.74
N LEU A 111 3.45 -4.39 14.41
CA LEU A 111 3.03 -4.34 12.99
C LEU A 111 3.70 -3.18 12.21
N VAL A 112 3.77 -1.99 12.80
CA VAL A 112 4.39 -0.88 12.11
C VAL A 112 5.89 -1.12 11.94
N GLY A 113 6.54 -1.70 12.93
CA GLY A 113 7.95 -2.19 12.83
C GLY A 113 8.21 -3.19 11.70
N ALA A 114 7.35 -4.20 11.62
CA ALA A 114 7.39 -5.16 10.59
C ALA A 114 7.21 -4.50 9.22
N ASP A 115 6.31 -3.52 9.14
CA ASP A 115 5.97 -2.86 7.88
C ASP A 115 7.17 -2.06 7.39
N GLY A 116 7.83 -1.37 8.32
CA GLY A 116 9.08 -0.62 8.03
C GLY A 116 10.21 -1.49 7.50
N ILE A 117 10.42 -2.64 8.14
CA ILE A 117 11.32 -3.66 7.63
C ILE A 117 10.94 -4.10 6.16
N MET A 118 9.68 -4.42 5.94
CA MET A 118 9.15 -4.86 4.58
C MET A 118 9.52 -3.86 3.49
N ILE A 119 9.22 -2.58 3.72
CA ILE A 119 9.44 -1.54 2.74
C ILE A 119 10.94 -1.24 2.62
N GLY A 120 11.65 -1.14 3.75
CA GLY A 120 13.10 -0.83 3.75
C GLY A 120 13.94 -1.88 3.05
N THR A 121 13.70 -3.14 3.40
CA THR A 121 14.37 -4.27 2.75
C THR A 121 13.96 -4.46 1.29
N GLY A 122 12.68 -4.17 0.96
CA GLY A 122 12.22 -4.13 -0.48
C GLY A 122 13.05 -3.11 -1.26
N LEU A 123 13.20 -1.90 -0.67
CA LEU A 123 13.99 -0.84 -1.34
C LEU A 123 15.49 -1.20 -1.48
N VAL A 124 16.12 -1.69 -0.39
CA VAL A 124 17.48 -2.19 -0.47
C VAL A 124 17.64 -3.25 -1.62
N GLY A 125 16.71 -4.19 -1.66
CA GLY A 125 16.66 -5.18 -2.78
C GLY A 125 16.63 -4.54 -4.15
N ALA A 126 15.74 -3.55 -4.29
CA ALA A 126 15.60 -2.84 -5.56
C ALA A 126 16.87 -2.13 -6.04
N LEU A 127 17.73 -1.75 -5.08
CA LEU A 127 18.95 -0.98 -5.36
C LEU A 127 20.23 -1.86 -5.39
N THR A 128 20.11 -3.17 -5.20
CA THR A 128 21.30 -4.03 -4.99
C THR A 128 21.89 -4.43 -6.34
N LYS A 129 23.21 -4.34 -6.43
CA LYS A 129 23.93 -4.59 -7.67
C LYS A 129 24.32 -6.05 -7.96
N VAL A 130 24.39 -6.92 -6.96
CA VAL A 130 24.75 -8.35 -7.18
C VAL A 130 23.40 -9.07 -7.33
N TYR A 131 23.20 -9.69 -8.50
CA TYR A 131 21.86 -10.13 -8.93
C TYR A 131 21.25 -11.03 -7.90
N SER A 132 22.02 -12.01 -7.44
CA SER A 132 21.45 -13.00 -6.55
C SER A 132 21.11 -12.44 -5.15
N TYR A 133 21.84 -11.40 -4.69
CA TYR A 133 21.50 -10.74 -3.41
C TYR A 133 20.23 -9.87 -3.48
N ARG A 134 19.82 -9.41 -4.66
CA ARG A 134 18.51 -8.78 -4.81
C ARG A 134 17.40 -9.68 -4.22
N PHE A 135 17.48 -10.98 -4.51
CA PHE A 135 16.49 -11.91 -4.08
C PHE A 135 16.59 -12.28 -2.58
N VAL A 136 17.77 -12.17 -1.98
CA VAL A 136 17.87 -12.31 -0.50
C VAL A 136 17.04 -11.22 0.22
N TRP A 137 17.28 -9.96 -0.15
CA TRP A 137 16.43 -8.84 0.35
C TRP A 137 14.92 -8.99 0.08
N TRP A 138 14.59 -9.44 -1.14
CA TRP A 138 13.18 -9.73 -1.49
C TRP A 138 12.56 -10.76 -0.52
N ALA A 139 13.32 -11.83 -0.25
CA ALA A 139 12.85 -12.89 0.64
C ALA A 139 12.60 -12.42 2.07
N ILE A 140 13.53 -11.62 2.61
CA ILE A 140 13.40 -11.00 3.93
C ILE A 140 12.14 -10.10 3.98
N SER A 141 11.99 -9.27 2.95
CA SER A 141 10.80 -8.45 2.81
C SER A 141 9.45 -9.21 2.79
N THR A 142 9.39 -10.29 1.98
CA THR A 142 8.25 -11.15 1.89
C THR A 142 7.95 -11.85 3.27
N ALA A 143 8.99 -12.31 4.00
CA ALA A 143 8.82 -12.84 5.38
C ALA A 143 8.14 -11.80 6.31
N ALA A 144 8.61 -10.55 6.28
CA ALA A 144 8.02 -9.45 7.08
C ALA A 144 6.57 -9.23 6.68
N MET A 145 6.30 -9.26 5.36
CA MET A 145 4.88 -9.22 4.86
C MET A 145 3.99 -10.33 5.36
N LEU A 146 4.52 -11.56 5.39
CA LEU A 146 3.75 -12.67 5.82
C LEU A 146 3.42 -12.61 7.32
N TYR A 147 4.34 -12.09 8.14
CA TYR A 147 4.10 -11.87 9.56
C TYR A 147 2.88 -10.94 9.75
N ILE A 148 2.92 -9.83 9.05
CA ILE A 148 1.75 -8.86 8.98
C ILE A 148 0.43 -9.53 8.64
N LEU A 149 0.44 -10.29 7.54
CA LEU A 149 -0.78 -10.94 7.11
C LEU A 149 -1.27 -11.95 8.17
N TYR A 150 -0.31 -12.69 8.80
CA TYR A 150 -0.67 -13.67 9.84
C TYR A 150 -1.38 -12.98 11.02
N VAL A 151 -0.83 -11.87 11.47
CA VAL A 151 -1.38 -11.13 12.58
C VAL A 151 -2.76 -10.53 12.23
N LEU A 152 -2.89 -9.97 11.02
CA LEU A 152 -4.25 -9.52 10.55
C LEU A 152 -5.31 -10.65 10.51
N PHE A 153 -4.91 -11.85 10.05
CA PHE A 153 -5.82 -12.96 9.80
C PHE A 153 -6.22 -13.68 11.09
N PHE A 154 -5.24 -14.01 11.93
CA PHE A 154 -5.46 -14.71 13.18
C PHE A 154 -5.70 -13.72 14.38
N GLY A 155 -4.75 -12.82 14.64
CA GLY A 155 -4.88 -11.88 15.77
C GLY A 155 -6.02 -10.85 15.64
N PHE A 156 -6.06 -10.13 14.53
CA PHE A 156 -7.13 -9.09 14.40
C PHE A 156 -8.56 -9.63 14.34
N THR A 157 -8.77 -10.76 13.64
CA THR A 157 -10.10 -11.35 13.53
C THR A 157 -10.64 -11.72 14.93
N SER A 158 -9.76 -12.27 15.77
CA SER A 158 -10.11 -12.66 17.12
C SER A 158 -10.54 -11.45 17.97
N LYS A 159 -9.77 -10.35 17.91
CA LYS A 159 -10.19 -9.05 18.45
C LYS A 159 -11.55 -8.56 17.87
N ALA A 160 -11.75 -8.69 16.55
CA ALA A 160 -13.03 -8.28 15.88
C ALA A 160 -14.27 -9.03 16.45
N GLU A 161 -14.08 -10.26 16.91
CA GLU A 161 -15.17 -11.06 17.45
C GLU A 161 -15.74 -10.48 18.74
N SER A 162 -15.01 -9.60 19.41
CA SER A 162 -15.52 -8.97 20.63
C SER A 162 -16.29 -7.68 20.37
N MET A 163 -16.32 -7.22 19.10
CA MET A 163 -17.04 -5.99 18.65
C MET A 163 -18.46 -6.30 18.21
N ARG A 164 -19.26 -5.28 17.97
CA ARG A 164 -20.60 -5.59 17.41
C ARG A 164 -20.50 -6.15 15.97
N PRO A 165 -21.47 -6.99 15.60
CA PRO A 165 -21.37 -7.72 14.33
C PRO A 165 -21.22 -6.82 13.10
N GLU A 166 -21.84 -5.63 13.10
CA GLU A 166 -21.61 -4.81 11.93
C GLU A 166 -20.15 -4.26 11.80
N VAL A 167 -19.46 -4.02 12.92
CA VAL A 167 -18.02 -3.69 12.94
C VAL A 167 -17.17 -4.90 12.50
N ALA A 168 -17.43 -6.04 13.10
CA ALA A 168 -16.77 -7.29 12.68
C ALA A 168 -16.94 -7.60 11.19
N SER A 169 -18.11 -7.35 10.62
CA SER A 169 -18.29 -7.71 9.22
C SER A 169 -17.64 -6.68 8.25
N THR A 170 -17.63 -5.40 8.61
CA THR A 170 -16.81 -4.41 7.88
C THR A 170 -15.32 -4.75 7.96
N PHE A 171 -14.79 -5.07 9.16
CA PHE A 171 -13.40 -5.53 9.29
C PHE A 171 -13.10 -6.72 8.37
N LYS A 172 -14.00 -7.70 8.34
CA LYS A 172 -13.69 -8.89 7.53
C LYS A 172 -13.58 -8.60 6.01
N VAL A 173 -14.46 -7.76 5.44
CA VAL A 173 -14.32 -7.29 4.05
C VAL A 173 -12.98 -6.58 3.79
N LEU A 174 -12.62 -5.60 4.63
CA LEU A 174 -11.32 -4.90 4.54
C LEU A 174 -10.10 -5.83 4.67
N ARG A 175 -10.19 -6.73 5.64
CA ARG A 175 -9.17 -7.80 5.82
C ARG A 175 -8.98 -8.63 4.57
N ASN A 176 -10.08 -9.06 3.97
CA ASN A 176 -10.04 -9.95 2.82
C ASN A 176 -9.46 -9.19 1.58
N VAL A 177 -9.89 -7.95 1.40
CA VAL A 177 -9.35 -7.08 0.38
C VAL A 177 -7.85 -6.90 0.53
N THR A 178 -7.40 -6.53 1.74
CA THR A 178 -5.95 -6.47 2.10
C THR A 178 -5.08 -7.74 1.86
N VAL A 179 -5.52 -8.88 2.38
CA VAL A 179 -4.81 -10.16 2.11
C VAL A 179 -4.65 -10.44 0.59
N VAL A 180 -5.73 -10.29 -0.19
CA VAL A 180 -5.67 -10.61 -1.62
C VAL A 180 -4.74 -9.67 -2.38
N LEU A 181 -4.96 -8.36 -2.20
CA LEU A 181 -4.13 -7.35 -2.87
C LEU A 181 -2.63 -7.37 -2.47
N TRP A 182 -2.35 -7.31 -1.15
CA TRP A 182 -0.99 -7.30 -0.63
C TRP A 182 -0.20 -8.58 -1.04
N SER A 183 -0.87 -9.73 -1.13
CA SER A 183 -0.15 -10.96 -1.47
C SER A 183 0.34 -10.97 -2.90
N ALA A 184 -0.22 -10.10 -3.77
CA ALA A 184 0.19 -10.05 -5.18
C ALA A 184 1.49 -9.26 -5.36
N TYR A 185 1.81 -8.34 -4.47
CA TYR A 185 2.97 -7.45 -4.68
C TYR A 185 4.30 -8.17 -4.83
N PRO A 186 4.59 -9.16 -3.96
CA PRO A 186 5.87 -9.87 -4.09
C PRO A 186 6.05 -10.65 -5.40
N VAL A 187 4.93 -11.13 -5.93
CA VAL A 187 4.88 -11.79 -7.25
C VAL A 187 5.15 -10.84 -8.41
N VAL A 188 4.52 -9.63 -8.44
CA VAL A 188 4.81 -8.64 -9.46
C VAL A 188 6.30 -8.24 -9.44
N TRP A 189 6.83 -7.99 -8.23
CA TRP A 189 8.27 -7.63 -8.09
C TRP A 189 9.19 -8.73 -8.62
N LEU A 190 8.95 -9.97 -8.17
CA LEU A 190 9.75 -11.15 -8.63
C LEU A 190 9.86 -11.32 -10.16
N ILE A 191 8.73 -11.16 -10.85
CA ILE A 191 8.67 -11.40 -12.31
C ILE A 191 8.89 -10.12 -13.19
N GLY A 192 8.84 -8.94 -12.59
CA GLY A 192 8.94 -7.69 -13.34
C GLY A 192 10.37 -7.14 -13.40
N SER A 193 10.45 -5.84 -13.72
CA SER A 193 11.75 -5.17 -14.05
C SER A 193 12.73 -5.09 -12.85
N GLU A 194 12.23 -5.30 -11.61
CA GLU A 194 13.09 -5.31 -10.39
C GLU A 194 13.70 -6.67 -10.08
N GLY A 195 13.06 -7.73 -10.58
CA GLY A 195 13.46 -9.10 -10.32
C GLY A 195 13.87 -9.79 -11.57
N ALA A 196 13.06 -10.74 -12.03
CA ALA A 196 13.44 -11.58 -13.18
C ALA A 196 13.51 -10.88 -14.55
N GLY A 197 12.84 -9.75 -14.73
CA GLY A 197 12.86 -9.05 -16.03
C GLY A 197 11.98 -9.68 -17.09
N ILE A 198 10.94 -10.42 -16.67
CA ILE A 198 10.04 -11.09 -17.66
C ILE A 198 8.88 -10.19 -18.18
N VAL A 199 8.15 -9.58 -17.25
CA VAL A 199 7.10 -8.61 -17.51
C VAL A 199 7.77 -7.23 -17.68
N PRO A 200 7.52 -6.57 -18.81
CA PRO A 200 8.19 -5.24 -19.02
C PRO A 200 7.63 -4.15 -18.11
N LEU A 201 8.46 -3.12 -17.96
CA LEU A 201 8.22 -1.96 -17.11
C LEU A 201 6.81 -1.28 -17.28
N ASN A 202 6.33 -1.17 -18.53
CA ASN A 202 5.02 -0.58 -18.76
C ASN A 202 3.85 -1.39 -18.22
N ILE A 203 3.95 -2.70 -18.32
CA ILE A 203 2.88 -3.59 -17.84
C ILE A 203 2.98 -3.71 -16.31
N GLU A 204 4.18 -3.86 -15.80
CA GLU A 204 4.43 -3.75 -14.36
C GLU A 204 3.85 -2.49 -13.67
N THR A 205 4.00 -1.33 -14.34
CA THR A 205 3.45 -0.03 -13.83
C THR A 205 1.92 -0.07 -13.81
N LEU A 206 1.30 -0.60 -14.89
CA LEU A 206 -0.13 -0.91 -14.97
C LEU A 206 -0.60 -1.76 -13.82
N LEU A 207 0.12 -2.87 -13.53
CA LEU A 207 -0.26 -3.76 -12.42
C LEU A 207 -0.18 -3.08 -11.05
N PHE A 208 0.96 -2.46 -10.76
CA PHE A 208 1.07 -1.74 -9.45
C PHE A 208 0.03 -0.61 -9.28
N MET A 209 -0.31 0.09 -10.37
CA MET A 209 -1.34 1.15 -10.36
C MET A 209 -2.74 0.60 -10.03
N VAL A 210 -3.10 -0.56 -10.61
CA VAL A 210 -4.39 -1.19 -10.32
C VAL A 210 -4.48 -1.69 -8.90
N LEU A 211 -3.42 -2.40 -8.47
CA LEU A 211 -3.27 -2.77 -7.04
C LEU A 211 -3.35 -1.58 -6.03
N ASP A 212 -2.55 -0.55 -6.27
CA ASP A 212 -2.52 0.66 -5.41
C ASP A 212 -3.89 1.37 -5.31
N VAL A 213 -4.54 1.61 -6.47
CA VAL A 213 -5.87 2.27 -6.52
C VAL A 213 -6.95 1.44 -5.77
N SER A 214 -6.94 0.13 -5.99
CA SER A 214 -7.82 -0.79 -5.29
C SER A 214 -7.56 -0.82 -3.76
N ALA A 215 -6.27 -0.88 -3.35
CA ALA A 215 -5.86 -0.93 -1.94
C ALA A 215 -6.04 0.34 -1.12
N LYS A 216 -6.19 1.49 -1.80
CA LYS A 216 -6.29 2.80 -1.18
C LYS A 216 -7.70 3.39 -1.45
N VAL A 217 -8.08 3.61 -2.72
CA VAL A 217 -9.38 4.24 -3.01
C VAL A 217 -10.53 3.24 -2.81
N GLY A 218 -10.30 1.99 -3.23
CA GLY A 218 -11.31 0.95 -3.03
C GLY A 218 -11.57 0.65 -1.58
N PHE A 219 -10.49 0.34 -0.85
CA PHE A 219 -10.46 0.15 0.60
C PHE A 219 -11.16 1.33 1.31
N GLY A 220 -10.74 2.53 0.92
CA GLY A 220 -11.36 3.79 1.44
C GLY A 220 -12.87 3.92 1.26
N LEU A 221 -13.38 3.57 0.03
CA LEU A 221 -14.77 3.72 -0.27
C LEU A 221 -15.58 2.75 0.61
N ILE A 222 -15.06 1.54 0.80
CA ILE A 222 -15.67 0.52 1.62
C ILE A 222 -15.73 0.94 3.11
N LEU A 223 -14.60 1.33 3.67
CA LEU A 223 -14.54 1.82 5.03
C LEU A 223 -15.42 3.06 5.30
N LEU A 224 -15.28 4.07 4.49
CA LEU A 224 -15.91 5.38 4.77
C LEU A 224 -17.41 5.46 4.50
N ARG A 225 -17.96 4.50 3.79
CA ARG A 225 -19.40 4.37 3.68
C ARG A 225 -20.01 3.47 4.73
N SER A 226 -19.22 2.79 5.57
CA SER A 226 -19.79 1.87 6.55
C SER A 226 -20.32 2.66 7.76
N ARG A 227 -21.35 2.13 8.42
CA ARG A 227 -21.74 2.61 9.76
C ARG A 227 -20.68 2.30 10.86
N ALA A 228 -19.76 1.38 10.57
CA ALA A 228 -18.77 0.90 11.56
C ALA A 228 -17.83 1.99 12.12
N ILE A 229 -17.53 3.03 11.33
CA ILE A 229 -16.68 4.13 11.79
C ILE A 229 -17.30 5.14 12.77
N PHE A 230 -18.61 5.04 13.02
CA PHE A 230 -19.35 6.03 13.90
C PHE A 230 -19.36 5.75 15.40
N GLY A 231 -19.21 6.83 16.16
CA GLY A 231 -19.21 6.81 17.61
C GLY A 231 -20.61 6.83 18.18
C1 RET B . 7.82 -5.08 -1.71
C2 RET B . 8.98 -5.50 -2.51
C3 RET B . 9.35 -6.92 -2.31
C4 RET B . 8.65 -7.79 -1.26
C5 RET B . 7.29 -7.31 -0.86
C6 RET B . 6.84 -6.05 -1.12
C7 RET B . 5.49 -5.67 -0.67
C8 RET B . 4.88 -4.49 -0.91
C9 RET B . 3.51 -4.21 -0.46
C10 RET B . 2.97 -3.03 -0.91
C11 RET B . 1.62 -2.62 -0.58
C12 RET B . 1.23 -1.45 -1.07
C13 RET B . -0.01 -0.74 -0.84
C14 RET B . 0.10 0.49 -1.35
C15 RET B . -0.91 1.49 -1.24
C16 RET B . 7.84 -3.62 -1.25
C17 RET B . 7.03 -4.76 -3.04
C18 RET B . 6.46 -8.31 -0.11
C19 RET B . 2.71 -5.18 0.38
C20 RET B . -1.22 -1.17 -0.03
C1 MC3 C . 24.24 -19.37 -4.34
C2 MC3 C . 22.98 -19.53 -3.48
C3 MC3 C . 22.97 -21.00 -2.99
C4 MC3 C . 25.79 -17.24 -2.15
C5 MC3 C . 26.64 -17.32 -0.87
C6 MC3 C . 27.21 -16.34 1.28
C7 MC3 C . 25.00 -15.95 0.39
C8 MC3 C . 27.02 -14.99 -0.64
C11 MC3 C . 20.78 -22.09 -3.69
C12 MC3 C . 20.05 -21.74 -2.44
C13 MC3 C . 19.08 -20.67 -2.87
C14 MC3 C . 17.68 -21.20 -2.72
C15 MC3 C . 17.29 -21.09 -1.29
C16 MC3 C . 15.98 -20.33 -1.33
C17 MC3 C . 14.93 -21.08 -0.56
C18 MC3 C . 14.00 -20.03 -0.04
C19 MC3 C . 14.59 -19.36 1.20
C20 MC3 C . 13.70 -18.23 1.69
C21 MC3 C . 12.52 -17.91 0.78
C22 MC3 C . 11.21 -17.89 1.57
C23 MC3 C . 10.92 -16.49 2.09
C24 MC3 C . 9.61 -15.92 1.55
C31 MC3 C . 22.50 -17.16 -2.60
C32 MC3 C . 21.25 -16.58 -1.98
C33 MC3 C . 19.99 -16.52 -2.84
C34 MC3 C . 18.85 -17.28 -2.15
C35 MC3 C . 17.91 -16.45 -1.29
C36 MC3 C . 16.74 -15.89 -2.09
C37 MC3 C . 15.98 -17.06 -2.64
C38 MC3 C . 15.70 -16.92 -4.11
C39 MC3 C . 14.23 -16.67 -4.11
C40 MC3 C . 13.68 -16.84 -5.49
C41 MC3 C . 14.58 -16.60 -6.67
C42 MC3 C . 13.70 -16.45 -7.89
C43 MC3 C . 14.25 -16.49 -9.31
C44 MC3 C . 13.25 -16.00 -10.36
N MC3 C . 26.44 -16.16 0.03
O2 MC3 C . 22.92 -18.56 -2.39
O3 MC3 C . 22.22 -21.87 -3.87
O11 MC3 C . 20.12 -22.56 -4.60
O31 MC3 C . 23.22 -16.38 -3.21
O1P MC3 C . 26.66 -18.49 -5.59
O2P MC3 C . 25.75 -16.05 -5.69
O3P MC3 C . 24.43 -17.98 -4.67
O4P MC3 C . 26.50 -17.05 -3.40
P MC3 C . 25.90 -17.35 -4.92
#